data_1C5B
#
_entry.id   1C5B
#
_cell.length_a   39.258
_cell.length_b   43.345
_cell.length_c   59.500
_cell.angle_alpha   88.02
_cell.angle_beta   79.10
_cell.angle_gamma   89.92
#
_symmetry.space_group_name_H-M   'P 1'
#
loop_
_entity.id
_entity.type
_entity.pdbx_description
1 polymer 'CHIMERIC DECARBOXYLASE ANTIBODY 21D8'
2 polymer 'CHIMERIC DECARBOXYLASE ANTIBODY 21D8'
3 water water
#
loop_
_entity_poly.entity_id
_entity_poly.type
_entity_poly.pdbx_seq_one_letter_code
_entity_poly.pdbx_strand_id
1 'polypeptide(L)'
;EIQLTQSPSSLSASLGERVSLTCRTSQEISGYLSWLQQKPDGTIKRLIYDATKLDSGAPKRFSGSRSGSDYSLTISSLES
EDFADYYCLQYASFPRTFGGGTKLEIKRTVAAPSVFIFPPSDEQLKSGTASVVCLLNNFYPREAKVQWKVDNALQSGNSQ
ESVTEQDSKDSTYSLSSTLTLSKADYEKHKVYACEVTHQGLSSPVTKSFNRGEC
;
L
2 'polypeptide(L)'
;QVQLLEPGTELVKPGASVKLSCRASGYSFTSYWMHWVKQRPGQGLEWIGLIDPSNGRTNFNDKFKSRATLTVDTSSSTAY
MQLSSLTSEDSAVYYCVRIAYWGQGTLVTVSSASTKGPSVFPLAPSSKSTSGGTAALGCLVKDYFPEPVTVSWNSGALTS
GVHTFPAVLQSSGLYSLSSVVTVPSSSLGTQTYICNVNHKPSNTKVDKKVEPKSC
;
H
#
# COMPACT_ATOMS: atom_id res chain seq x y z
N GLU A 1 8.52 -24.47 -12.09
CA GLU A 1 7.20 -23.80 -12.20
C GLU A 1 7.19 -23.02 -13.50
N ILE A 2 6.01 -22.88 -14.10
CA ILE A 2 5.94 -22.14 -15.33
C ILE A 2 5.99 -20.67 -15.04
N GLN A 3 7.04 -20.02 -15.55
CA GLN A 3 7.18 -18.60 -15.32
C GLN A 3 6.42 -17.75 -16.29
N LEU A 4 5.87 -16.68 -15.73
CA LEU A 4 5.14 -15.70 -16.50
C LEU A 4 5.89 -14.40 -16.33
N THR A 5 6.41 -13.90 -17.43
CA THR A 5 7.14 -12.66 -17.37
C THR A 5 6.20 -11.59 -17.85
N GLN A 6 5.79 -10.71 -16.95
CA GLN A 6 4.86 -9.66 -17.32
C GLN A 6 5.55 -8.33 -17.48
N SER A 7 5.28 -7.66 -18.59
CA SER A 7 5.89 -6.37 -18.81
C SER A 7 4.86 -5.40 -19.41
N PRO A 8 4.97 -4.10 -19.06
CA PRO A 8 5.96 -3.55 -18.15
C PRO A 8 5.39 -3.70 -16.76
N SER A 9 6.22 -3.55 -15.74
CA SER A 9 5.72 -3.69 -14.39
C SER A 9 4.94 -2.44 -14.03
N SER A 10 5.35 -1.31 -14.60
CA SER A 10 4.70 -0.03 -14.35
C SER A 10 4.46 0.69 -15.65
N LEU A 11 3.34 1.40 -15.72
CA LEU A 11 2.99 2.11 -16.93
C LEU A 11 2.17 3.37 -16.60
N SER A 12 2.61 4.49 -17.17
CA SER A 12 1.92 5.77 -17.00
C SER A 12 1.27 6.09 -18.34
N ALA A 13 -0.01 6.43 -18.32
CA ALA A 13 -0.72 6.73 -19.55
C ALA A 13 -1.85 7.71 -19.24
N SER A 14 -2.36 8.32 -20.30
CA SER A 14 -3.43 9.32 -20.24
C SER A 14 -4.74 8.72 -20.71
N LEU A 15 -5.83 9.37 -20.31
CA LEU A 15 -7.13 8.94 -20.74
C LEU A 15 -7.12 8.97 -22.26
N GLY A 16 -7.85 8.05 -22.87
CA GLY A 16 -7.93 8.01 -24.31
C GLY A 16 -6.76 7.31 -24.95
N GLU A 17 -5.73 7.00 -24.18
CA GLU A 17 -4.55 6.36 -24.72
C GLU A 17 -4.75 4.86 -24.91
N ARG A 18 -4.05 4.29 -25.88
CA ARG A 18 -4.14 2.86 -26.13
C ARG A 18 -2.95 2.22 -25.42
N VAL A 19 -3.18 1.12 -24.70
CA VAL A 19 -2.09 0.45 -23.99
C VAL A 19 -2.23 -1.06 -24.05
N SER A 20 -1.09 -1.74 -24.11
CA SER A 20 -1.02 -3.18 -24.16
C SER A 20 -0.06 -3.71 -23.13
N LEU A 21 -0.51 -4.71 -22.39
CA LEU A 21 0.31 -5.34 -21.36
C LEU A 21 0.62 -6.70 -21.93
N THR A 22 1.77 -7.24 -21.58
CA THR A 22 2.10 -8.55 -22.11
C THR A 22 2.69 -9.48 -21.06
N CYS A 23 2.39 -10.76 -21.24
CA CYS A 23 2.95 -11.81 -20.41
C CYS A 23 3.54 -12.87 -21.32
N ARG A 24 4.82 -13.14 -21.09
CA ARG A 24 5.54 -14.14 -21.85
C ARG A 24 5.69 -15.38 -20.96
N THR A 25 5.39 -16.51 -21.57
CA THR A 25 5.45 -17.80 -20.89
C THR A 25 6.72 -18.54 -21.22
N SER A 26 7.30 -19.20 -20.20
CA SER A 26 8.52 -19.98 -20.36
C SER A 26 8.27 -21.20 -21.24
N GLN A 27 7.10 -21.79 -21.07
CA GLN A 27 6.74 -22.96 -21.83
C GLN A 27 5.35 -22.80 -22.43
N GLU A 28 5.05 -23.58 -23.46
CA GLU A 28 3.77 -23.53 -24.11
C GLU A 28 2.64 -23.69 -23.11
N ILE A 29 1.66 -22.79 -23.13
CA ILE A 29 0.52 -22.90 -22.22
C ILE A 29 -0.79 -22.99 -23.00
N SER A 30 -0.69 -23.02 -24.33
CA SER A 30 -1.86 -23.15 -25.20
C SER A 30 -3.04 -22.22 -24.94
N GLY A 31 -2.77 -20.93 -24.75
CA GLY A 31 -3.85 -19.99 -24.52
C GLY A 31 -4.55 -20.07 -23.18
N TYR A 32 -4.05 -20.87 -22.26
CA TYR A 32 -4.67 -20.98 -20.93
C TYR A 32 -4.14 -19.88 -20.02
N LEU A 33 -4.50 -18.66 -20.37
CA LEU A 33 -4.08 -17.49 -19.64
C LEU A 33 -5.22 -16.50 -19.44
N SER A 34 -5.33 -15.98 -18.23
CA SER A 34 -6.35 -14.99 -17.91
C SER A 34 -5.67 -13.69 -17.46
N TRP A 35 -6.39 -12.58 -17.66
CA TRP A 35 -5.93 -11.26 -17.26
C TRP A 35 -6.88 -10.80 -16.15
N LEU A 36 -6.27 -10.41 -15.04
CA LEU A 36 -6.99 -9.97 -13.86
C LEU A 36 -6.72 -8.51 -13.60
N GLN A 37 -7.72 -7.82 -13.08
CA GLN A 37 -7.56 -6.42 -12.77
C GLN A 37 -7.77 -6.27 -11.27
N GLN A 38 -6.90 -5.55 -10.61
CA GLN A 38 -7.10 -5.34 -9.18
C GLN A 38 -7.27 -3.85 -8.99
N LYS A 39 -8.49 -3.46 -8.66
CA LYS A 39 -8.81 -2.06 -8.45
C LYS A 39 -8.05 -1.55 -7.25
N PRO A 40 -7.97 -0.22 -7.10
CA PRO A 40 -7.27 0.43 -5.99
C PRO A 40 -7.79 -0.06 -4.66
N ASP A 41 -9.10 -0.31 -4.61
CA ASP A 41 -9.78 -0.79 -3.39
C ASP A 41 -9.49 -2.25 -3.06
N GLY A 42 -8.61 -2.87 -3.86
CA GLY A 42 -8.22 -4.25 -3.62
C GLY A 42 -8.97 -5.37 -4.33
N THR A 43 -10.18 -5.10 -4.74
CA THR A 43 -10.96 -6.13 -5.39
C THR A 43 -10.35 -6.60 -6.69
N ILE A 44 -10.49 -7.89 -6.96
CA ILE A 44 -9.91 -8.43 -8.17
C ILE A 44 -10.97 -8.95 -9.10
N LYS A 45 -10.85 -8.58 -10.37
CA LYS A 45 -11.80 -9.00 -11.37
C LYS A 45 -11.09 -9.57 -12.60
N ARG A 46 -11.63 -10.65 -13.15
CA ARG A 46 -11.04 -11.25 -14.35
C ARG A 46 -11.54 -10.46 -15.57
N LEU A 47 -10.65 -10.06 -16.44
CA LEU A 47 -11.09 -9.34 -17.63
C LEU A 47 -11.14 -10.24 -18.87
N ILE A 48 -10.07 -10.99 -19.08
CA ILE A 48 -9.92 -11.89 -20.23
C ILE A 48 -9.56 -13.28 -19.73
N TYR A 49 -10.04 -14.32 -20.42
CA TYR A 49 -9.71 -15.70 -20.07
C TYR A 49 -9.47 -16.43 -21.40
N ASP A 50 -8.80 -17.57 -21.33
CA ASP A 50 -8.42 -18.33 -22.53
C ASP A 50 -7.69 -17.41 -23.48
N ALA A 51 -6.91 -16.51 -22.89
CA ALA A 51 -6.09 -15.54 -23.62
C ALA A 51 -6.78 -14.49 -24.44
N THR A 52 -7.92 -14.80 -25.06
CA THR A 52 -8.57 -13.84 -25.94
C THR A 52 -10.07 -13.60 -25.71
N LYS A 53 -10.69 -14.40 -24.84
CA LYS A 53 -12.12 -14.26 -24.59
C LYS A 53 -12.43 -13.24 -23.52
N LEU A 54 -13.27 -12.28 -23.90
CA LEU A 54 -13.64 -11.19 -23.03
C LEU A 54 -14.66 -11.69 -22.04
N ASP A 55 -14.37 -11.44 -20.77
CA ASP A 55 -15.23 -11.84 -19.69
C ASP A 55 -16.48 -10.97 -19.76
N SER A 56 -17.65 -11.60 -19.63
CA SER A 56 -18.93 -10.88 -19.71
C SER A 56 -18.98 -9.56 -18.96
N GLY A 57 -18.46 -9.52 -17.75
CA GLY A 57 -18.48 -8.29 -16.99
C GLY A 57 -17.46 -7.25 -17.40
N ALA A 58 -16.64 -7.54 -18.39
CA ALA A 58 -15.60 -6.61 -18.82
C ALA A 58 -15.94 -5.75 -20.03
N PRO A 59 -15.56 -4.46 -19.98
CA PRO A 59 -15.81 -3.51 -21.07
C PRO A 59 -15.11 -3.93 -22.35
N LYS A 60 -15.70 -3.53 -23.48
CA LYS A 60 -15.19 -3.86 -24.80
C LYS A 60 -13.89 -3.18 -25.19
N ARG A 61 -13.44 -2.20 -24.40
CA ARG A 61 -12.19 -1.56 -24.75
C ARG A 61 -11.01 -2.47 -24.39
N PHE A 62 -11.30 -3.57 -23.71
CA PHE A 62 -10.28 -4.54 -23.35
C PHE A 62 -10.29 -5.70 -24.33
N SER A 63 -9.13 -6.23 -24.66
CA SER A 63 -9.10 -7.37 -25.56
C SER A 63 -7.80 -8.08 -25.31
N GLY A 64 -7.82 -9.39 -25.54
CA GLY A 64 -6.64 -10.20 -25.36
C GLY A 64 -6.27 -10.71 -26.71
N SER A 65 -5.01 -11.12 -26.85
CA SER A 65 -4.50 -11.65 -28.11
C SER A 65 -3.18 -12.32 -27.77
N ARG A 66 -2.79 -13.28 -28.59
CA ARG A 66 -1.54 -13.95 -28.33
C ARG A 66 -0.69 -14.13 -29.59
N SER A 67 0.61 -13.94 -29.42
CA SER A 67 1.58 -14.08 -30.48
C SER A 67 2.58 -15.08 -29.97
N GLY A 68 2.44 -16.32 -30.41
CA GLY A 68 3.37 -17.32 -29.94
C GLY A 68 3.35 -17.39 -28.42
N SER A 69 4.49 -17.16 -27.80
CA SER A 69 4.55 -17.22 -26.34
C SER A 69 4.20 -15.90 -25.67
N ASP A 70 3.77 -14.92 -26.44
CA ASP A 70 3.42 -13.61 -25.87
C ASP A 70 1.95 -13.42 -25.82
N TYR A 71 1.43 -13.16 -24.62
CA TYR A 71 0.01 -12.92 -24.48
C TYR A 71 -0.16 -11.48 -24.06
N SER A 72 -1.00 -10.76 -24.80
CA SER A 72 -1.20 -9.39 -24.46
C SER A 72 -2.64 -9.00 -24.19
N LEU A 73 -2.77 -7.98 -23.35
CA LEU A 73 -4.04 -7.37 -22.98
C LEU A 73 -3.92 -5.94 -23.51
N THR A 74 -4.89 -5.53 -24.31
CA THR A 74 -4.87 -4.20 -24.87
C THR A 74 -6.09 -3.45 -24.41
N ILE A 75 -5.91 -2.18 -24.08
CA ILE A 75 -7.01 -1.31 -23.68
C ILE A 75 -7.04 -0.34 -24.86
N SER A 76 -8.08 -0.44 -25.69
CA SER A 76 -8.23 0.41 -26.87
C SER A 76 -8.09 1.88 -26.54
N SER A 77 -8.92 2.36 -25.61
CA SER A 77 -8.91 3.76 -25.20
C SER A 77 -9.15 3.91 -23.69
N LEU A 78 -8.07 4.09 -22.95
CA LEU A 78 -8.13 4.21 -21.49
C LEU A 78 -9.11 5.18 -20.87
N GLU A 79 -9.90 4.66 -19.94
CA GLU A 79 -10.85 5.47 -19.20
C GLU A 79 -10.35 5.56 -17.77
N SER A 80 -10.97 6.41 -16.96
CA SER A 80 -10.52 6.57 -15.59
C SER A 80 -10.58 5.30 -14.75
N GLU A 81 -11.57 4.45 -15.01
CA GLU A 81 -11.70 3.22 -14.26
C GLU A 81 -10.61 2.21 -14.58
N ASP A 82 -9.84 2.44 -15.64
CA ASP A 82 -8.80 1.49 -16.05
C ASP A 82 -7.45 1.65 -15.35
N PHE A 83 -7.28 2.74 -14.61
CA PHE A 83 -6.02 2.92 -13.92
C PHE A 83 -6.02 2.03 -12.70
N ALA A 84 -5.35 0.90 -12.86
CA ALA A 84 -5.27 -0.10 -11.81
C ALA A 84 -4.11 -1.05 -12.03
N ASP A 85 -4.12 -2.15 -11.29
CA ASP A 85 -3.08 -3.16 -11.41
C ASP A 85 -3.68 -4.28 -12.24
N TYR A 86 -2.83 -4.92 -13.02
CA TYR A 86 -3.22 -6.00 -13.91
C TYR A 86 -2.29 -7.17 -13.78
N TYR A 87 -2.88 -8.35 -13.69
CA TYR A 87 -2.09 -9.55 -13.61
C TYR A 87 -2.55 -10.59 -14.61
N CYS A 88 -1.60 -11.30 -15.21
CA CYS A 88 -1.97 -12.41 -16.09
C CYS A 88 -1.75 -13.63 -15.20
N LEU A 89 -2.59 -14.63 -15.42
CA LEU A 89 -2.59 -15.85 -14.66
C LEU A 89 -2.58 -17.03 -15.63
N GLN A 90 -1.70 -18.00 -15.45
CA GLN A 90 -1.74 -19.14 -16.35
C GLN A 90 -2.34 -20.34 -15.62
N TYR A 91 -3.15 -21.12 -16.32
CA TYR A 91 -3.74 -22.31 -15.72
C TYR A 91 -3.52 -23.55 -16.58
N ALA A 92 -2.37 -23.58 -17.24
CA ALA A 92 -2.01 -24.70 -18.08
C ALA A 92 -1.41 -25.75 -17.15
N SER A 93 -0.63 -25.28 -16.19
CA SER A 93 0.07 -26.19 -15.30
C SER A 93 0.08 -25.81 -13.83
N PHE A 94 0.61 -26.72 -13.01
CA PHE A 94 0.72 -26.50 -11.57
C PHE A 94 2.18 -26.40 -11.12
N PRO A 95 2.45 -25.53 -10.15
CA PRO A 95 1.44 -24.67 -9.51
C PRO A 95 0.93 -23.56 -10.45
N ARG A 96 -0.24 -23.02 -10.15
CA ARG A 96 -0.76 -21.91 -10.93
C ARG A 96 0.27 -20.84 -10.66
N THR A 97 0.51 -19.98 -11.65
CA THR A 97 1.48 -18.91 -11.48
C THR A 97 0.94 -17.64 -12.12
N PHE A 98 1.37 -16.51 -11.57
CA PHE A 98 0.91 -15.20 -12.01
C PHE A 98 2.08 -14.41 -12.51
N GLY A 99 1.80 -13.44 -13.38
CA GLY A 99 2.83 -12.56 -13.86
C GLY A 99 3.07 -11.62 -12.69
N GLY A 100 4.15 -10.87 -12.72
CA GLY A 100 4.47 -9.96 -11.62
C GLY A 100 3.55 -8.76 -11.46
N GLY A 101 2.68 -8.54 -12.45
CA GLY A 101 1.75 -7.44 -12.40
C GLY A 101 2.21 -6.19 -13.11
N THR A 102 1.24 -5.36 -13.46
CA THR A 102 1.47 -4.08 -14.12
C THR A 102 0.61 -3.04 -13.41
N LYS A 103 1.23 -2.02 -12.84
CA LYS A 103 0.50 -0.96 -12.18
C LYS A 103 0.34 0.16 -13.20
N LEU A 104 -0.90 0.54 -13.47
CA LEU A 104 -1.18 1.57 -14.45
C LEU A 104 -1.53 2.85 -13.69
N GLU A 105 -0.77 3.92 -13.93
CA GLU A 105 -1.04 5.17 -13.23
C GLU A 105 -1.32 6.26 -14.23
N ILE A 106 -1.92 7.34 -13.76
CA ILE A 106 -2.25 8.45 -14.63
C ILE A 106 -1.03 9.28 -14.97
N LYS A 107 -0.86 9.54 -16.26
CA LYS A 107 0.25 10.35 -16.72
C LYS A 107 -0.16 11.81 -16.64
N ARG A 108 0.74 12.65 -16.14
CA ARG A 108 0.47 14.07 -16.10
C ARG A 108 1.82 14.68 -16.28
N THR A 109 1.85 16.01 -16.37
CA THR A 109 3.11 16.71 -16.53
C THR A 109 3.87 16.67 -15.20
N VAL A 110 5.19 16.78 -15.29
CA VAL A 110 6.03 16.73 -14.12
C VAL A 110 5.68 17.91 -13.20
N ALA A 111 5.82 17.70 -11.91
CA ALA A 111 5.54 18.74 -10.94
C ALA A 111 6.53 18.50 -9.80
N ALA A 112 7.38 19.48 -9.56
CA ALA A 112 8.40 19.37 -8.53
C ALA A 112 7.72 19.29 -7.18
N PRO A 113 8.30 18.54 -6.26
CA PRO A 113 7.61 18.50 -4.99
C PRO A 113 7.85 19.77 -4.15
N SER A 114 6.90 20.09 -3.29
CA SER A 114 7.12 21.18 -2.35
C SER A 114 7.74 20.38 -1.21
N VAL A 115 8.87 20.81 -0.69
CA VAL A 115 9.50 20.06 0.38
C VAL A 115 9.42 20.81 1.71
N PHE A 116 9.08 20.10 2.78
CA PHE A 116 9.00 20.71 4.09
C PHE A 116 9.69 19.78 5.03
N ILE A 117 10.38 20.34 6.03
CA ILE A 117 11.06 19.50 7.00
C ILE A 117 10.55 19.91 8.37
N PHE A 118 10.37 18.91 9.24
CA PHE A 118 9.84 19.11 10.57
C PHE A 118 10.73 18.58 11.69
N PRO A 119 11.18 19.46 12.57
CA PRO A 119 12.02 19.05 13.70
C PRO A 119 11.17 18.17 14.62
N PRO A 120 11.80 17.43 15.53
CA PRO A 120 11.01 16.59 16.43
C PRO A 120 10.32 17.56 17.39
N SER A 121 9.17 17.19 17.95
CA SER A 121 8.48 18.06 18.90
C SER A 121 9.20 17.88 20.24
N ASP A 122 9.26 18.92 21.06
CA ASP A 122 9.93 18.76 22.36
C ASP A 122 9.13 17.71 23.11
N GLU A 123 7.85 17.66 22.76
CA GLU A 123 6.94 16.71 23.36
C GLU A 123 7.49 15.29 23.14
N GLN A 124 7.82 14.95 21.90
CA GLN A 124 8.36 13.62 21.58
C GLN A 124 9.72 13.38 22.23
N LEU A 125 10.58 14.39 22.21
CA LEU A 125 11.91 14.26 22.81
C LEU A 125 11.82 13.82 24.27
N LYS A 126 10.73 14.18 24.95
CA LYS A 126 10.60 13.77 26.34
C LYS A 126 10.54 12.26 26.46
N SER A 127 10.18 11.59 25.36
CA SER A 127 10.07 10.14 25.38
C SER A 127 11.34 9.37 24.98
N GLY A 128 12.44 10.06 24.75
CA GLY A 128 13.67 9.37 24.40
C GLY A 128 13.91 9.12 22.93
N THR A 129 12.96 9.45 22.08
CA THR A 129 13.14 9.23 20.66
C THR A 129 12.90 10.53 19.90
N ALA A 130 13.48 10.64 18.72
CA ALA A 130 13.32 11.84 17.92
C ALA A 130 12.96 11.47 16.48
N SER A 131 11.86 12.00 15.99
CA SER A 131 11.49 11.73 14.62
C SER A 131 11.60 13.03 13.84
N VAL A 132 12.29 12.98 12.71
CA VAL A 132 12.41 14.15 11.89
C VAL A 132 11.66 13.78 10.61
N VAL A 133 10.79 14.66 10.19
CA VAL A 133 9.98 14.39 9.03
C VAL A 133 10.32 15.29 7.86
N CYS A 134 10.47 14.66 6.71
CA CYS A 134 10.72 15.42 5.52
C CYS A 134 9.52 15.10 4.67
N LEU A 135 8.84 16.17 4.27
CA LEU A 135 7.62 16.09 3.48
C LEU A 135 7.80 16.58 2.04
N LEU A 136 7.49 15.71 1.08
CA LEU A 136 7.56 16.07 -0.34
C LEU A 136 6.10 16.14 -0.73
N ASN A 137 5.68 17.31 -1.17
CA ASN A 137 4.29 17.52 -1.45
C ASN A 137 3.86 17.80 -2.88
N ASN A 138 2.78 17.14 -3.27
CA ASN A 138 2.15 17.26 -4.60
C ASN A 138 3.13 17.23 -5.76
N PHE A 139 3.78 16.08 -5.94
CA PHE A 139 4.72 15.97 -7.03
C PHE A 139 4.32 14.86 -7.99
N TYR A 140 5.01 14.87 -9.12
CA TYR A 140 4.81 13.90 -10.18
C TYR A 140 6.07 13.96 -11.06
N PRO A 141 6.60 12.80 -11.47
CA PRO A 141 6.12 11.45 -11.20
C PRO A 141 6.45 10.99 -9.79
N ARG A 142 6.03 9.79 -9.48
CA ARG A 142 6.20 9.16 -8.18
C ARG A 142 7.65 9.03 -7.74
N GLU A 143 8.55 8.73 -8.67
CA GLU A 143 9.95 8.54 -8.32
C GLU A 143 10.60 9.75 -7.71
N ALA A 144 11.11 9.57 -6.50
CA ALA A 144 11.78 10.65 -5.82
C ALA A 144 12.84 10.05 -4.91
N LYS A 145 13.95 10.73 -4.77
CA LYS A 145 15.01 10.23 -3.93
C LYS A 145 15.14 11.21 -2.79
N VAL A 146 15.06 10.67 -1.59
CA VAL A 146 15.19 11.48 -0.40
C VAL A 146 16.34 11.00 0.44
N GLN A 147 17.33 11.82 0.70
CA GLN A 147 18.33 11.31 1.61
C GLN A 147 18.45 12.13 2.85
N TRP A 148 18.75 11.49 3.96
CA TRP A 148 18.89 12.19 5.21
C TRP A 148 20.35 12.41 5.54
N LYS A 149 20.69 13.63 5.92
CA LYS A 149 22.06 13.92 6.31
C LYS A 149 21.98 14.56 7.68
N VAL A 150 22.79 14.07 8.61
CA VAL A 150 22.84 14.60 9.96
C VAL A 150 24.26 15.07 10.10
N ASP A 151 24.44 16.38 10.25
CA ASP A 151 25.77 16.96 10.30
C ASP A 151 26.53 16.44 9.10
N ASN A 152 25.83 16.56 7.96
CA ASN A 152 26.27 16.17 6.63
C ASN A 152 26.61 14.71 6.44
N ALA A 153 26.35 13.88 7.44
CA ALA A 153 26.64 12.47 7.31
C ALA A 153 25.40 11.75 6.80
N LEU A 154 25.51 11.14 5.63
CA LEU A 154 24.39 10.42 5.04
C LEU A 154 23.88 9.38 6.02
N GLN A 155 22.58 9.39 6.25
CA GLN A 155 21.95 8.44 7.15
C GLN A 155 21.48 7.26 6.34
N SER A 156 21.63 6.08 6.91
CA SER A 156 21.23 4.88 6.21
C SER A 156 20.54 3.89 7.12
N GLY A 157 19.42 3.34 6.62
CA GLY A 157 18.67 2.36 7.36
C GLY A 157 17.92 2.88 8.57
N ASN A 158 17.96 4.18 8.85
CA ASN A 158 17.22 4.69 10.02
C ASN A 158 16.06 5.61 9.63
N SER A 159 15.61 5.49 8.39
CA SER A 159 14.50 6.28 7.92
C SER A 159 13.55 5.39 7.18
N GLN A 160 12.28 5.80 7.15
CA GLN A 160 11.25 5.04 6.47
C GLN A 160 10.40 6.03 5.70
N GLU A 161 9.97 5.64 4.51
CA GLU A 161 9.13 6.54 3.78
C GLU A 161 7.75 5.98 3.46
N SER A 162 6.83 6.90 3.21
CA SER A 162 5.46 6.53 2.92
C SER A 162 5.03 7.42 1.77
N VAL A 163 4.25 6.86 0.86
CA VAL A 163 3.80 7.62 -0.27
C VAL A 163 2.30 7.46 -0.36
N THR A 164 1.60 8.54 -0.68
CA THR A 164 0.15 8.46 -0.80
C THR A 164 -0.16 7.94 -2.20
N GLU A 165 -1.43 7.61 -2.43
CA GLU A 165 -1.81 7.15 -3.76
C GLU A 165 -1.81 8.41 -4.61
N GLN A 166 -1.88 8.23 -5.92
CA GLN A 166 -1.92 9.33 -6.83
C GLN A 166 -3.19 10.13 -6.50
N ASP A 167 -3.09 11.45 -6.38
CA ASP A 167 -4.25 12.27 -6.02
C ASP A 167 -5.37 12.23 -7.06
N SER A 168 -6.60 12.10 -6.59
CA SER A 168 -7.76 12.04 -7.46
C SER A 168 -7.94 13.27 -8.33
N LYS A 169 -7.65 14.45 -7.79
CA LYS A 169 -7.83 15.69 -8.54
C LYS A 169 -6.65 16.13 -9.41
N ASP A 170 -5.45 16.24 -8.81
CA ASP A 170 -4.30 16.67 -9.61
C ASP A 170 -3.30 15.59 -10.04
N SER A 171 -3.60 14.33 -9.72
CA SER A 171 -2.75 13.22 -10.13
C SER A 171 -1.31 13.30 -9.61
N THR A 172 -1.11 13.95 -8.49
CA THR A 172 0.21 14.08 -7.89
C THR A 172 0.33 13.11 -6.74
N TYR A 173 1.56 13.00 -6.22
CA TYR A 173 1.87 12.15 -5.11
C TYR A 173 2.44 13.07 -4.05
N SER A 174 2.48 12.57 -2.84
CA SER A 174 3.09 13.30 -1.73
C SER A 174 3.86 12.20 -1.02
N LEU A 175 5.03 12.50 -0.51
CA LEU A 175 5.85 11.51 0.13
C LEU A 175 6.34 12.00 1.47
N SER A 176 6.37 11.08 2.42
CA SER A 176 6.82 11.43 3.73
C SER A 176 7.99 10.54 4.08
N SER A 177 9.07 11.14 4.55
CA SER A 177 10.22 10.35 4.97
C SER A 177 10.47 10.69 6.42
N THR A 178 10.52 9.65 7.24
CA THR A 178 10.74 9.83 8.65
C THR A 178 12.07 9.22 9.14
N LEU A 179 12.90 10.05 9.74
CA LEU A 179 14.21 9.65 10.27
C LEU A 179 14.05 9.51 11.78
N THR A 180 14.32 8.33 12.30
CA THR A 180 14.20 8.14 13.73
C THR A 180 15.56 7.97 14.38
N LEU A 181 15.76 8.72 15.46
CA LEU A 181 17.00 8.72 16.21
C LEU A 181 16.66 8.70 17.68
N SER A 182 17.59 8.19 18.48
CA SER A 182 17.39 8.20 19.91
C SER A 182 17.49 9.67 20.31
N LYS A 183 16.92 10.03 21.46
CA LYS A 183 17.04 11.40 21.93
C LYS A 183 18.54 11.73 22.02
N ALA A 184 19.32 10.80 22.57
CA ALA A 184 20.77 10.98 22.73
C ALA A 184 21.43 11.37 21.41
N ASP A 185 21.26 10.53 20.40
CA ASP A 185 21.83 10.84 19.09
C ASP A 185 21.35 12.18 18.53
N TYR A 186 20.06 12.44 18.66
CA TYR A 186 19.48 13.68 18.16
C TYR A 186 20.19 14.88 18.76
N GLU A 187 20.47 14.78 20.07
CA GLU A 187 21.12 15.88 20.77
C GLU A 187 22.62 15.95 20.49
N LYS A 188 23.19 14.90 19.94
CA LYS A 188 24.61 14.90 19.62
C LYS A 188 24.82 15.55 18.26
N HIS A 189 23.77 16.03 17.63
CA HIS A 189 23.92 16.63 16.31
C HIS A 189 23.22 17.96 16.13
N LYS A 190 23.69 18.74 15.17
CA LYS A 190 23.12 20.05 14.92
C LYS A 190 22.30 20.20 13.66
N VAL A 191 22.90 19.93 12.51
CA VAL A 191 22.19 20.11 11.26
C VAL A 191 21.48 18.88 10.78
N TYR A 192 20.19 19.01 10.56
CA TYR A 192 19.39 17.92 10.07
C TYR A 192 18.90 18.38 8.74
N ALA A 193 19.19 17.63 7.70
CA ALA A 193 18.78 18.04 6.38
C ALA A 193 18.18 16.91 5.60
N CYS A 194 17.29 17.28 4.70
CA CYS A 194 16.67 16.30 3.88
C CYS A 194 16.88 16.79 2.46
N GLU A 195 17.62 15.99 1.72
CA GLU A 195 17.99 16.31 0.35
C GLU A 195 17.09 15.53 -0.61
N VAL A 196 16.44 16.29 -1.49
CA VAL A 196 15.52 15.69 -2.43
C VAL A 196 15.93 15.81 -3.87
N THR A 197 15.79 14.73 -4.61
CA THR A 197 16.07 14.77 -6.04
C THR A 197 14.80 14.25 -6.68
N HIS A 198 14.42 14.84 -7.80
CA HIS A 198 13.19 14.48 -8.49
C HIS A 198 13.25 15.00 -9.90
N GLN A 199 12.55 14.37 -10.82
CA GLN A 199 12.67 14.90 -12.14
C GLN A 199 12.26 16.33 -12.39
N GLY A 200 11.31 16.83 -11.61
CA GLY A 200 10.93 18.22 -11.78
C GLY A 200 11.95 19.19 -11.18
N LEU A 201 12.98 18.66 -10.52
CA LEU A 201 13.98 19.53 -9.91
C LEU A 201 15.27 19.51 -10.70
N SER A 202 15.65 20.66 -11.26
CA SER A 202 16.87 20.76 -12.03
C SER A 202 18.07 20.57 -11.11
N SER A 203 17.87 20.76 -9.82
CA SER A 203 18.95 20.53 -8.86
C SER A 203 18.35 20.00 -7.55
N PRO A 204 19.17 19.30 -6.74
CA PRO A 204 18.71 18.74 -5.47
C PRO A 204 18.24 19.82 -4.55
N VAL A 205 17.11 19.57 -3.90
CA VAL A 205 16.59 20.54 -2.97
C VAL A 205 16.88 20.03 -1.60
N THR A 206 17.45 20.88 -0.75
CA THR A 206 17.74 20.46 0.61
C THR A 206 17.00 21.37 1.56
N LYS A 207 16.28 20.78 2.50
CA LYS A 207 15.60 21.55 3.53
C LYS A 207 16.27 21.12 4.82
N SER A 208 16.57 22.07 5.69
CA SER A 208 17.22 21.70 6.92
C SER A 208 16.80 22.61 8.03
N PHE A 209 17.23 22.27 9.23
CA PHE A 209 16.96 23.08 10.40
C PHE A 209 18.08 22.71 11.33
N ASN A 210 18.41 23.62 12.24
CA ASN A 210 19.46 23.38 13.20
C ASN A 210 18.81 23.07 14.50
N ARG A 211 19.40 22.17 15.26
CA ARG A 211 18.88 21.86 16.57
C ARG A 211 19.32 23.02 17.47
N GLY A 212 20.59 23.40 17.36
CA GLY A 212 21.12 24.51 18.16
C GLY A 212 20.68 25.86 17.64
N GLU A 213 19.41 25.97 17.27
CA GLU A 213 18.84 27.20 16.75
C GLU A 213 17.32 26.99 16.75
N CYS A 214 16.60 27.59 15.82
CA CYS A 214 15.15 27.43 15.77
C CYS A 214 14.80 26.19 14.96
N GLN B 1 -24.43 -13.35 -8.82
CA GLN B 1 -24.82 -14.70 -8.34
C GLN B 1 -23.70 -15.35 -7.53
N VAL B 2 -22.49 -15.43 -8.08
CA VAL B 2 -21.38 -16.05 -7.37
C VAL B 2 -20.85 -15.14 -6.27
N GLN B 3 -20.86 -15.66 -5.05
CA GLN B 3 -20.39 -14.95 -3.86
C GLN B 3 -19.32 -15.75 -3.14
N LEU B 4 -18.21 -15.11 -2.81
CA LEU B 4 -17.13 -15.76 -2.06
C LEU B 4 -16.87 -14.85 -0.86
N LEU B 5 -17.38 -15.27 0.29
CA LEU B 5 -17.29 -14.49 1.51
C LEU B 5 -16.15 -14.86 2.44
N GLU B 6 -15.25 -13.92 2.71
CA GLU B 6 -14.13 -14.17 3.62
C GLU B 6 -14.19 -13.23 4.82
N PRO B 7 -13.52 -13.58 5.93
CA PRO B 7 -13.52 -12.73 7.13
C PRO B 7 -12.82 -11.43 6.82
N GLY B 8 -12.95 -10.46 7.71
CA GLY B 8 -12.31 -9.18 7.47
C GLY B 8 -10.80 -9.18 7.65
N THR B 9 -10.36 -9.17 8.90
CA THR B 9 -8.96 -9.13 9.20
C THR B 9 -8.66 -10.02 10.39
N GLU B 10 -7.40 -10.40 10.57
CA GLU B 10 -7.00 -11.25 11.68
C GLU B 10 -5.58 -10.91 12.12
N LEU B 11 -5.38 -10.79 13.44
CA LEU B 11 -4.06 -10.50 14.01
C LEU B 11 -3.65 -11.80 14.68
N VAL B 12 -2.48 -12.29 14.32
CA VAL B 12 -1.97 -13.52 14.87
C VAL B 12 -0.53 -13.32 15.26
N LYS B 13 -0.09 -14.08 16.25
CA LYS B 13 1.29 -13.98 16.70
C LYS B 13 2.21 -14.93 15.96
N PRO B 14 3.50 -14.59 15.87
CA PRO B 14 4.41 -15.49 15.16
C PRO B 14 4.31 -16.92 15.73
N GLY B 15 4.52 -17.92 14.88
CA GLY B 15 4.47 -19.29 15.35
C GLY B 15 3.09 -19.81 15.59
N ALA B 16 2.11 -18.93 15.55
CA ALA B 16 0.74 -19.36 15.77
C ALA B 16 0.21 -19.80 14.42
N SER B 17 -1.07 -20.15 14.37
CA SER B 17 -1.65 -20.59 13.11
C SER B 17 -2.89 -19.76 12.86
N VAL B 18 -3.37 -19.79 11.62
CA VAL B 18 -4.58 -19.06 11.27
C VAL B 18 -5.40 -20.01 10.43
N LYS B 19 -6.71 -19.99 10.61
CA LYS B 19 -7.58 -20.85 9.81
C LYS B 19 -8.56 -19.93 9.11
N LEU B 20 -8.29 -19.63 7.86
CA LEU B 20 -9.12 -18.75 7.07
C LEU B 20 -10.29 -19.49 6.46
N SER B 21 -11.44 -18.84 6.46
CA SER B 21 -12.62 -19.42 5.90
C SER B 21 -13.00 -18.67 4.63
N CYS B 22 -13.65 -19.38 3.73
CA CYS B 22 -14.11 -18.80 2.49
C CYS B 22 -15.48 -19.41 2.23
N ARG B 23 -16.55 -18.65 2.47
CA ARG B 23 -17.90 -19.18 2.27
C ARG B 23 -18.41 -18.84 0.87
N ALA B 24 -18.74 -19.87 0.10
CA ALA B 24 -19.21 -19.67 -1.26
C ALA B 24 -20.70 -19.84 -1.39
N SER B 25 -21.28 -19.12 -2.35
CA SER B 25 -22.70 -19.21 -2.65
C SER B 25 -22.90 -18.72 -4.08
N GLY B 26 -24.02 -19.10 -4.69
CA GLY B 26 -24.31 -18.69 -6.06
C GLY B 26 -24.06 -19.75 -7.14
N TYR B 27 -23.45 -20.87 -6.77
CA TYR B 27 -23.13 -21.95 -7.72
C TYR B 27 -22.96 -23.28 -6.97
N SER B 28 -22.66 -24.37 -7.67
CA SER B 28 -22.49 -25.66 -7.00
C SER B 28 -21.11 -25.79 -6.39
N PHE B 29 -21.04 -25.70 -5.06
CA PHE B 29 -19.78 -25.75 -4.34
C PHE B 29 -18.79 -26.80 -4.77
N THR B 30 -19.24 -28.06 -4.80
CA THR B 30 -18.39 -29.19 -5.15
C THR B 30 -17.98 -29.25 -6.61
N SER B 31 -18.71 -28.54 -7.46
CA SER B 31 -18.39 -28.58 -8.88
C SER B 31 -17.17 -27.76 -9.24
N TYR B 32 -16.68 -26.94 -8.32
CA TYR B 32 -15.52 -26.15 -8.64
C TYR B 32 -14.39 -26.17 -7.66
N TRP B 33 -13.18 -26.16 -8.22
CA TRP B 33 -11.96 -26.12 -7.45
C TRP B 33 -11.87 -24.78 -6.76
N MET B 34 -11.41 -24.78 -5.52
CA MET B 34 -11.25 -23.51 -4.81
C MET B 34 -9.77 -23.29 -4.66
N HIS B 35 -9.33 -22.12 -5.07
CA HIS B 35 -7.92 -21.79 -4.97
C HIS B 35 -7.73 -20.80 -3.83
N TRP B 36 -6.52 -20.79 -3.30
CA TRP B 36 -6.21 -19.84 -2.28
C TRP B 36 -5.02 -19.11 -2.83
N VAL B 37 -5.09 -17.79 -2.77
CA VAL B 37 -4.02 -16.95 -3.26
C VAL B 37 -3.63 -15.95 -2.21
N LYS B 38 -2.33 -15.76 -2.11
CA LYS B 38 -1.74 -14.85 -1.15
C LYS B 38 -1.23 -13.60 -1.84
N GLN B 39 -1.37 -12.48 -1.14
CA GLN B 39 -0.86 -11.21 -1.65
C GLN B 39 -0.36 -10.42 -0.49
N ARG B 40 0.96 -10.25 -0.46
CA ARG B 40 1.57 -9.47 0.58
C ARG B 40 1.33 -8.04 0.19
N PRO B 41 1.21 -7.15 1.19
CA PRO B 41 0.97 -5.73 0.92
C PRO B 41 1.91 -5.23 -0.18
N GLY B 42 1.34 -4.54 -1.16
CA GLY B 42 2.14 -4.02 -2.25
C GLY B 42 3.01 -5.05 -2.94
N GLN B 43 2.58 -6.31 -2.92
CA GLN B 43 3.31 -7.39 -3.58
C GLN B 43 2.42 -8.01 -4.64
N GLY B 44 2.95 -8.99 -5.37
CA GLY B 44 2.15 -9.65 -6.40
C GLY B 44 1.30 -10.75 -5.81
N LEU B 45 0.65 -11.50 -6.69
CA LEU B 45 -0.20 -12.59 -6.26
C LEU B 45 0.59 -13.91 -6.26
N GLU B 46 0.35 -14.74 -5.26
CA GLU B 46 1.03 -16.02 -5.16
C GLU B 46 0.00 -17.10 -4.90
N TRP B 47 -0.02 -18.12 -5.77
CA TRP B 47 -0.95 -19.23 -5.66
C TRP B 47 -0.47 -20.14 -4.52
N ILE B 48 -1.37 -20.49 -3.61
CA ILE B 48 -0.99 -21.36 -2.48
C ILE B 48 -1.34 -22.81 -2.80
N GLY B 49 -2.52 -23.00 -3.34
CA GLY B 49 -2.94 -24.33 -3.68
C GLY B 49 -4.42 -24.32 -3.97
N LEU B 50 -4.97 -25.49 -4.18
CA LEU B 50 -6.38 -25.60 -4.46
C LEU B 50 -6.82 -26.86 -3.78
N ILE B 51 -8.12 -26.96 -3.64
CA ILE B 51 -8.70 -28.11 -3.06
C ILE B 51 -9.90 -28.36 -3.96
N ASP B 52 -10.18 -29.63 -4.17
CA ASP B 52 -11.31 -30.02 -4.97
C ASP B 52 -12.33 -30.31 -3.89
N PRO B 53 -13.33 -29.45 -3.74
CA PRO B 53 -14.32 -29.69 -2.71
C PRO B 53 -15.01 -31.04 -2.83
N SER B 54 -15.14 -31.54 -4.05
CA SER B 54 -15.83 -32.81 -4.28
C SER B 54 -15.22 -34.01 -3.57
N ASN B 55 -13.89 -34.13 -3.63
CA ASN B 55 -13.19 -35.26 -3.01
C ASN B 55 -12.28 -34.86 -1.84
N GLY B 56 -11.78 -33.64 -1.87
CA GLY B 56 -10.91 -33.17 -0.80
C GLY B 56 -9.50 -33.18 -1.31
N ARG B 57 -9.33 -33.66 -2.53
CA ARG B 57 -8.00 -33.71 -3.11
C ARG B 57 -7.49 -32.31 -3.24
N THR B 58 -6.29 -32.11 -2.74
CA THR B 58 -5.68 -30.81 -2.78
C THR B 58 -4.44 -30.91 -3.64
N ASN B 59 -3.99 -29.76 -4.13
CA ASN B 59 -2.79 -29.69 -4.93
C ASN B 59 -2.14 -28.43 -4.42
N PHE B 60 -0.87 -28.53 -4.05
CA PHE B 60 -0.17 -27.40 -3.49
C PHE B 60 1.01 -26.91 -4.26
N ASN B 61 1.44 -25.73 -3.83
CA ASN B 61 2.61 -25.05 -4.32
C ASN B 61 3.59 -25.53 -3.24
N ASP B 62 4.72 -26.12 -3.65
CA ASP B 62 5.71 -26.60 -2.70
C ASP B 62 6.04 -25.67 -1.55
N LYS B 63 6.06 -24.36 -1.76
CA LYS B 63 6.38 -23.42 -0.66
C LYS B 63 5.40 -23.50 0.48
N PHE B 64 4.16 -23.88 0.19
CA PHE B 64 3.16 -23.95 1.25
C PHE B 64 2.76 -25.35 1.68
N LYS B 65 3.12 -26.36 0.89
CA LYS B 65 2.73 -27.73 1.21
C LYS B 65 3.04 -28.13 2.64
N SER B 66 4.23 -27.84 3.12
CA SER B 66 4.61 -28.25 4.46
C SER B 66 3.89 -27.54 5.60
N ARG B 67 3.30 -26.37 5.34
CA ARG B 67 2.61 -25.64 6.41
C ARG B 67 1.14 -25.36 6.23
N ALA B 68 0.60 -25.60 5.04
CA ALA B 68 -0.79 -25.31 4.79
C ALA B 68 -1.70 -26.51 4.64
N THR B 69 -2.86 -26.42 5.30
CA THR B 69 -3.86 -27.47 5.24
C THR B 69 -5.07 -26.83 4.60
N LEU B 70 -5.59 -27.43 3.54
CA LEU B 70 -6.78 -26.94 2.87
C LEU B 70 -7.87 -27.95 3.13
N THR B 71 -8.95 -27.52 3.76
CA THR B 71 -10.07 -28.41 4.03
C THR B 71 -11.36 -27.79 3.54
N VAL B 72 -12.43 -28.57 3.50
CA VAL B 72 -13.71 -28.03 3.06
C VAL B 72 -14.83 -28.54 3.94
N ASP B 73 -15.87 -27.75 4.09
CA ASP B 73 -17.02 -28.15 4.85
C ASP B 73 -18.12 -27.98 3.82
N THR B 74 -18.42 -29.06 3.10
CA THR B 74 -19.44 -29.00 2.05
C THR B 74 -20.83 -28.74 2.60
N SER B 75 -21.02 -28.96 3.90
CA SER B 75 -22.32 -28.74 4.51
C SER B 75 -22.62 -27.24 4.54
N SER B 76 -21.56 -26.45 4.72
CA SER B 76 -21.68 -25.00 4.79
C SER B 76 -21.05 -24.30 3.60
N SER B 77 -20.69 -25.06 2.57
CA SER B 77 -20.07 -24.50 1.38
C SER B 77 -18.87 -23.63 1.75
N THR B 78 -18.07 -24.11 2.70
CA THR B 78 -16.94 -23.33 3.12
C THR B 78 -15.64 -24.05 2.95
N ALA B 79 -14.68 -23.36 2.35
CA ALA B 79 -13.37 -23.92 2.18
C ALA B 79 -12.56 -23.25 3.30
N TYR B 80 -11.58 -23.95 3.83
CA TYR B 80 -10.76 -23.39 4.87
C TYR B 80 -9.33 -23.54 4.50
N MET B 81 -8.52 -22.56 4.91
CA MET B 81 -7.10 -22.67 4.71
C MET B 81 -6.45 -22.42 6.04
N GLN B 82 -5.81 -23.46 6.59
CA GLN B 82 -5.10 -23.28 7.82
C GLN B 82 -3.65 -23.21 7.43
N LEU B 83 -3.00 -22.13 7.86
CA LEU B 83 -1.58 -21.93 7.59
C LEU B 83 -0.96 -22.00 8.98
N SER B 84 0.05 -22.84 9.12
CA SER B 84 0.69 -23.07 10.40
C SER B 84 2.07 -22.45 10.50
N SER B 85 2.53 -22.23 11.74
CA SER B 85 3.87 -21.68 12.03
C SER B 85 4.08 -20.36 11.34
N LEU B 86 3.13 -19.46 11.53
CA LEU B 86 3.21 -18.16 10.88
C LEU B 86 4.38 -17.30 11.33
N THR B 87 4.91 -16.55 10.39
CA THR B 87 5.98 -15.61 10.66
C THR B 87 5.52 -14.34 9.95
N SER B 88 6.23 -13.24 10.15
CA SER B 88 5.81 -11.99 9.52
C SER B 88 5.68 -12.05 8.00
N GLU B 89 6.34 -13.02 7.35
CA GLU B 89 6.26 -13.14 5.89
C GLU B 89 4.88 -13.60 5.46
N ASP B 90 4.11 -14.10 6.42
CA ASP B 90 2.76 -14.57 6.17
C ASP B 90 1.72 -13.45 6.30
N SER B 91 2.16 -12.24 6.61
CA SER B 91 1.21 -11.12 6.71
C SER B 91 0.83 -10.80 5.29
N ALA B 92 -0.44 -10.91 4.99
CA ALA B 92 -0.89 -10.68 3.64
C ALA B 92 -2.38 -10.74 3.55
N VAL B 93 -2.87 -10.40 2.37
CA VAL B 93 -4.29 -10.49 2.06
C VAL B 93 -4.35 -11.90 1.45
N TYR B 94 -5.23 -12.74 1.95
CA TYR B 94 -5.37 -14.08 1.43
C TYR B 94 -6.74 -14.17 0.78
N TYR B 95 -6.78 -14.58 -0.48
CA TYR B 95 -8.05 -14.70 -1.17
C TYR B 95 -8.40 -16.14 -1.45
N CYS B 96 -9.70 -16.41 -1.52
CA CYS B 96 -10.08 -17.74 -1.95
C CYS B 96 -10.57 -17.39 -3.35
N VAL B 97 -10.40 -18.30 -4.30
CA VAL B 97 -10.75 -18.02 -5.69
C VAL B 97 -11.28 -19.25 -6.40
N ARG B 98 -12.31 -19.07 -7.21
CA ARG B 98 -12.77 -20.19 -8.02
C ARG B 98 -12.80 -19.62 -9.44
N ILE B 99 -12.81 -20.47 -10.46
CA ILE B 99 -12.84 -19.98 -11.83
C ILE B 99 -13.66 -18.70 -11.98
N ALA B 100 -12.98 -17.59 -12.30
CA ALA B 100 -13.62 -16.30 -12.55
C ALA B 100 -13.98 -15.40 -11.35
N TYR B 101 -14.17 -15.97 -10.18
CA TYR B 101 -14.55 -15.11 -9.08
C TYR B 101 -13.57 -15.08 -7.95
N TRP B 102 -13.25 -13.88 -7.50
CA TRP B 102 -12.32 -13.67 -6.42
C TRP B 102 -13.04 -13.20 -5.15
N GLY B 103 -12.61 -13.71 -4.01
CA GLY B 103 -13.20 -13.27 -2.76
C GLY B 103 -12.60 -11.90 -2.52
N GLN B 104 -13.13 -11.15 -1.56
CA GLN B 104 -12.58 -9.84 -1.28
C GLN B 104 -11.27 -9.94 -0.48
N GLY B 105 -10.97 -11.11 0.03
CA GLY B 105 -9.72 -11.29 0.75
C GLY B 105 -9.74 -10.97 2.22
N THR B 106 -8.86 -11.62 2.98
CA THR B 106 -8.75 -11.40 4.43
C THR B 106 -7.34 -10.95 4.66
N LEU B 107 -7.21 -9.85 5.40
CA LEU B 107 -5.90 -9.34 5.72
C LEU B 107 -5.50 -9.97 7.04
N VAL B 108 -4.43 -10.74 6.98
CA VAL B 108 -3.85 -11.43 8.13
C VAL B 108 -2.57 -10.67 8.45
N THR B 109 -2.47 -10.22 9.70
CA THR B 109 -1.30 -9.47 10.14
C THR B 109 -0.68 -10.29 11.28
N VAL B 110 0.55 -10.76 11.07
CA VAL B 110 1.28 -11.54 12.05
C VAL B 110 2.24 -10.58 12.74
N SER B 111 2.13 -10.49 14.07
CA SER B 111 2.94 -9.60 14.86
C SER B 111 2.94 -10.04 16.32
N SER B 112 4.08 -9.90 16.98
CA SER B 112 4.16 -10.27 18.38
C SER B 112 3.75 -9.04 19.18
N ALA B 113 3.55 -7.95 18.45
CA ALA B 113 3.15 -6.66 19.02
C ALA B 113 1.82 -6.68 19.76
N SER B 114 1.75 -5.84 20.78
CA SER B 114 0.57 -5.70 21.61
C SER B 114 -0.21 -4.43 21.25
N THR B 115 -1.45 -4.35 21.70
CA THR B 115 -2.30 -3.19 21.46
C THR B 115 -1.74 -1.96 22.15
N LYS B 116 -1.72 -0.85 21.41
CA LYS B 116 -1.18 0.36 21.98
C LYS B 116 -1.68 1.57 21.22
N GLY B 117 -2.13 2.55 21.99
CA GLY B 117 -2.62 3.79 21.43
C GLY B 117 -1.45 4.62 20.94
N PRO B 118 -1.71 5.49 19.95
CA PRO B 118 -0.66 6.33 19.39
C PRO B 118 -0.27 7.51 20.26
N SER B 119 0.99 7.91 20.12
CA SER B 119 1.45 9.10 20.78
C SER B 119 1.27 10.04 19.60
N VAL B 120 0.65 11.19 19.82
CA VAL B 120 0.43 12.11 18.73
C VAL B 120 1.31 13.31 18.94
N PHE B 121 2.18 13.54 17.97
CA PHE B 121 3.10 14.64 18.07
C PHE B 121 2.86 15.64 16.97
N PRO B 122 2.89 16.93 17.30
CA PRO B 122 2.69 17.99 16.33
C PRO B 122 3.88 18.18 15.38
N LEU B 123 3.57 18.27 14.08
CA LEU B 123 4.57 18.54 13.06
C LEU B 123 4.30 20.02 12.85
N ALA B 124 5.10 20.85 13.50
CA ALA B 124 4.86 22.27 13.46
C ALA B 124 5.50 23.13 12.39
N PRO B 125 4.74 24.14 11.92
CA PRO B 125 5.16 25.11 10.91
C PRO B 125 6.12 25.97 11.71
N SER B 126 7.38 25.95 11.34
CA SER B 126 8.40 26.69 12.09
C SER B 126 8.97 27.91 11.35
N SER B 127 9.35 27.66 10.12
CA SER B 127 9.97 28.63 9.23
C SER B 127 10.41 27.71 8.11
N LYS B 128 10.78 26.49 8.52
CA LYS B 128 11.25 25.43 7.64
C LYS B 128 10.04 24.78 6.96
N SER B 129 8.87 25.32 7.26
CA SER B 129 7.63 24.86 6.65
C SER B 129 7.32 25.91 5.58
N THR B 130 6.65 26.97 6.00
CA THR B 130 6.25 28.08 5.15
C THR B 130 7.02 28.18 3.81
N SER B 131 6.33 27.82 2.72
CA SER B 131 6.84 27.83 1.34
C SER B 131 6.43 29.13 0.66
N GLY B 132 6.40 30.20 1.45
CA GLY B 132 5.99 31.48 0.94
C GLY B 132 4.72 31.77 1.68
N GLY B 133 3.59 31.54 1.04
CA GLY B 133 2.32 31.79 1.68
C GLY B 133 1.74 30.46 2.08
N THR B 134 2.53 29.42 1.87
CA THR B 134 2.07 28.08 2.19
C THR B 134 2.87 27.43 3.31
N ALA B 135 2.21 27.09 4.39
CA ALA B 135 2.90 26.41 5.47
C ALA B 135 2.39 24.98 5.44
N ALA B 136 3.17 24.09 6.01
CA ALA B 136 2.77 22.70 6.11
C ALA B 136 2.82 22.42 7.59
N LEU B 137 1.81 21.73 8.09
CA LEU B 137 1.81 21.34 9.47
C LEU B 137 1.11 20.03 9.46
N GLY B 138 1.24 19.31 10.56
CA GLY B 138 0.59 18.05 10.67
C GLY B 138 0.80 17.40 12.00
N CYS B 139 0.42 16.13 12.05
CA CYS B 139 0.56 15.34 13.25
C CYS B 139 1.20 14.02 12.91
N LEU B 140 2.14 13.65 13.77
CA LEU B 140 2.84 12.39 13.68
C LEU B 140 2.17 11.48 14.70
N VAL B 141 1.53 10.44 14.20
CA VAL B 141 0.83 9.51 15.03
C VAL B 141 1.77 8.33 15.12
N LYS B 142 2.42 8.22 16.27
CA LYS B 142 3.42 7.21 16.45
C LYS B 142 3.18 6.10 17.47
N ASP B 143 3.71 4.92 17.13
CA ASP B 143 3.67 3.74 18.01
C ASP B 143 2.33 3.25 18.45
N TYR B 144 1.53 2.86 17.48
CA TYR B 144 0.22 2.36 17.78
C TYR B 144 0.14 1.02 17.08
N PHE B 145 -0.73 0.18 17.60
CA PHE B 145 -0.94 -1.12 17.03
C PHE B 145 -2.28 -1.61 17.50
N PRO B 146 -3.04 -2.25 16.62
CA PRO B 146 -2.68 -2.51 15.22
C PRO B 146 -3.24 -1.36 14.39
N GLU B 147 -3.11 -1.42 13.08
CA GLU B 147 -3.73 -0.39 12.29
C GLU B 147 -5.24 -0.66 12.40
N PRO B 148 -6.10 0.29 12.00
CA PRO B 148 -5.86 1.62 11.44
C PRO B 148 -6.09 2.73 12.45
N VAL B 149 -5.78 3.95 12.03
CA VAL B 149 -5.99 5.14 12.84
C VAL B 149 -6.62 6.11 11.86
N THR B 150 -7.59 6.89 12.32
CA THR B 150 -8.22 7.88 11.45
C THR B 150 -7.73 9.23 11.95
N VAL B 151 -7.47 10.14 11.03
CA VAL B 151 -7.03 11.47 11.42
C VAL B 151 -7.84 12.42 10.59
N SER B 152 -8.40 13.42 11.26
CA SER B 152 -9.19 14.41 10.53
C SER B 152 -8.66 15.72 11.09
N TRP B 153 -8.95 16.83 10.44
CA TRP B 153 -8.49 18.13 10.90
C TRP B 153 -9.61 19.13 11.14
N ASN B 154 -9.51 19.85 12.26
CA ASN B 154 -10.51 20.85 12.62
C ASN B 154 -11.89 20.25 12.53
N SER B 155 -12.01 19.03 13.03
CA SER B 155 -13.26 18.30 13.06
C SER B 155 -13.95 18.18 11.70
N GLY B 156 -13.18 17.87 10.67
CA GLY B 156 -13.76 17.72 9.35
C GLY B 156 -13.99 19.03 8.64
N ALA B 157 -13.68 20.13 9.32
CA ALA B 157 -13.85 21.44 8.73
C ALA B 157 -12.73 21.72 7.72
N LEU B 158 -11.63 20.98 7.84
CA LEU B 158 -10.49 21.15 6.96
C LEU B 158 -10.26 19.87 6.17
N THR B 159 -10.51 19.92 4.86
CA THR B 159 -10.34 18.75 4.01
C THR B 159 -9.32 19.01 2.92
N SER B 160 -9.25 20.26 2.48
CA SER B 160 -8.34 20.64 1.43
C SER B 160 -6.91 20.74 1.88
N GLY B 161 -6.01 20.20 1.05
CA GLY B 161 -4.58 20.22 1.31
C GLY B 161 -4.13 19.18 2.33
N VAL B 162 -5.01 18.24 2.66
CA VAL B 162 -4.70 17.21 3.62
C VAL B 162 -4.14 15.95 2.97
N HIS B 163 -3.11 15.42 3.58
CA HIS B 163 -2.47 14.20 3.12
C HIS B 163 -2.18 13.37 4.32
N THR B 164 -2.89 12.27 4.46
CA THR B 164 -2.65 11.34 5.54
C THR B 164 -1.97 10.17 4.85
N PHE B 165 -0.74 9.92 5.25
CA PHE B 165 0.06 8.86 4.64
C PHE B 165 -0.22 7.47 5.15
N PRO B 166 -0.02 6.48 4.28
CA PRO B 166 -0.23 5.09 4.65
C PRO B 166 0.73 4.87 5.82
N ALA B 167 0.36 3.99 6.74
CA ALA B 167 1.17 3.74 7.92
C ALA B 167 2.39 2.91 7.55
N VAL B 168 3.46 3.00 8.33
CA VAL B 168 4.62 2.16 8.06
C VAL B 168 4.88 1.35 9.32
N LEU B 169 5.34 0.11 9.16
CA LEU B 169 5.61 -0.73 10.32
C LEU B 169 7.06 -0.49 10.72
N GLN B 170 7.25 0.07 11.91
CA GLN B 170 8.58 0.38 12.41
C GLN B 170 9.20 -0.94 12.81
N SER B 171 10.52 -0.96 12.96
CA SER B 171 11.23 -2.18 13.33
C SER B 171 10.79 -2.62 14.70
N SER B 172 10.17 -1.73 15.46
CA SER B 172 9.71 -2.09 16.79
C SER B 172 8.44 -2.93 16.70
N GLY B 173 7.87 -3.01 15.50
CA GLY B 173 6.62 -3.76 15.32
C GLY B 173 5.39 -2.90 15.54
N LEU B 174 5.59 -1.61 15.77
CA LEU B 174 4.48 -0.71 16.00
C LEU B 174 4.36 0.17 14.77
N TYR B 175 3.17 0.67 14.50
CA TYR B 175 3.03 1.53 13.34
C TYR B 175 3.26 2.96 13.69
N SER B 176 3.37 3.75 12.63
CA SER B 176 3.59 5.17 12.72
C SER B 176 3.02 5.73 11.41
N LEU B 177 2.31 6.84 11.52
CA LEU B 177 1.70 7.50 10.38
C LEU B 177 1.76 9.00 10.60
N SER B 178 1.69 9.74 9.50
CA SER B 178 1.69 11.20 9.53
C SER B 178 0.54 11.72 8.70
N SER B 179 -0.04 12.80 9.16
CA SER B 179 -1.10 13.49 8.46
C SER B 179 -0.62 14.93 8.37
N VAL B 180 -0.60 15.46 7.16
CA VAL B 180 -0.14 16.82 6.97
C VAL B 180 -1.15 17.58 6.14
N VAL B 181 -1.09 18.90 6.28
CA VAL B 181 -1.97 19.75 5.53
C VAL B 181 -1.16 20.99 5.22
N THR B 182 -1.39 21.51 4.03
CA THR B 182 -0.73 22.71 3.55
C THR B 182 -1.80 23.78 3.68
N VAL B 183 -1.42 24.89 4.28
CA VAL B 183 -2.34 25.99 4.50
C VAL B 183 -1.64 27.33 4.27
N PRO B 184 -2.43 28.40 4.03
CA PRO B 184 -1.84 29.72 3.81
C PRO B 184 -1.06 30.08 5.07
N SER B 185 0.19 30.52 4.90
CA SER B 185 1.02 30.88 6.03
C SER B 185 0.39 32.05 6.79
N SER B 186 -0.38 32.85 6.07
CA SER B 186 -1.06 33.99 6.68
C SER B 186 -2.27 33.59 7.53
N SER B 187 -2.68 32.33 7.48
CA SER B 187 -3.84 31.95 8.28
C SER B 187 -3.40 31.45 9.66
N LEU B 188 -2.11 31.27 9.85
CA LEU B 188 -1.56 30.79 11.12
C LEU B 188 -1.86 31.65 12.35
N GLY B 189 -2.26 32.89 12.14
CA GLY B 189 -2.52 33.75 13.27
C GLY B 189 -4.01 33.96 13.52
N THR B 190 -4.81 33.57 12.54
CA THR B 190 -6.24 33.76 12.62
C THR B 190 -6.97 32.43 12.66
N GLN B 191 -6.25 31.35 12.42
CA GLN B 191 -6.87 30.03 12.38
C GLN B 191 -6.09 29.01 13.20
N THR B 192 -6.84 28.16 13.91
CA THR B 192 -6.25 27.12 14.72
C THR B 192 -6.37 25.79 13.97
N TYR B 193 -5.31 25.00 14.00
CA TYR B 193 -5.31 23.71 13.33
C TYR B 193 -5.18 22.60 14.34
N ILE B 194 -6.16 21.71 14.31
CA ILE B 194 -6.16 20.61 15.25
C ILE B 194 -6.36 19.33 14.49
N CYS B 195 -5.50 18.36 14.76
CA CYS B 195 -5.63 17.08 14.11
C CYS B 195 -6.40 16.25 15.11
N ASN B 196 -7.41 15.55 14.63
CA ASN B 196 -8.24 14.72 15.48
C ASN B 196 -7.80 13.30 15.15
N VAL B 197 -7.19 12.68 16.13
CA VAL B 197 -6.68 11.35 15.94
C VAL B 197 -7.50 10.36 16.71
N ASN B 198 -8.00 9.37 16.02
CA ASN B 198 -8.77 8.34 16.69
C ASN B 198 -8.28 6.96 16.29
N HIS B 199 -7.80 6.24 17.28
CA HIS B 199 -7.30 4.88 17.13
C HIS B 199 -8.35 4.06 17.84
N LYS B 200 -9.41 3.71 17.12
CA LYS B 200 -10.50 2.96 17.72
C LYS B 200 -10.07 1.61 18.31
N PRO B 201 -9.09 0.93 17.68
CA PRO B 201 -8.68 -0.34 18.26
C PRO B 201 -8.15 -0.30 19.71
N SER B 202 -7.89 0.88 20.24
CA SER B 202 -7.42 0.98 21.62
C SER B 202 -8.18 2.12 22.25
N ASN B 203 -9.17 2.58 21.52
CA ASN B 203 -9.95 3.73 21.93
C ASN B 203 -9.16 4.71 22.77
N THR B 204 -8.40 5.44 21.97
CA THR B 204 -7.51 6.51 22.34
C THR B 204 -8.02 7.58 21.40
N LYS B 205 -8.51 8.68 21.95
CA LYS B 205 -8.95 9.77 21.09
C LYS B 205 -8.05 10.90 21.48
N VAL B 206 -7.55 11.61 20.49
CA VAL B 206 -6.64 12.68 20.77
C VAL B 206 -6.83 13.84 19.84
N ASP B 207 -6.82 15.03 20.44
CA ASP B 207 -6.92 16.26 19.69
C ASP B 207 -5.66 16.99 20.01
N LYS B 208 -4.88 17.23 18.98
CA LYS B 208 -3.64 17.94 19.19
C LYS B 208 -3.73 19.19 18.35
N LYS B 209 -3.55 20.31 19.00
CA LYS B 209 -3.55 21.59 18.32
C LYS B 209 -2.12 21.69 17.79
N VAL B 210 -1.97 21.95 16.50
CA VAL B 210 -0.64 22.08 15.97
C VAL B 210 -0.37 23.56 15.92
N GLU B 211 0.47 23.99 16.84
CA GLU B 211 0.79 25.40 16.95
C GLU B 211 2.13 25.76 16.33
N PRO B 212 2.19 26.91 15.65
CA PRO B 212 3.43 27.34 15.03
C PRO B 212 4.41 27.74 16.12
N LYS B 213 5.68 27.45 15.90
CA LYS B 213 6.70 27.84 16.86
C LYS B 213 7.77 28.53 16.01
N SER B 214 8.22 29.70 16.43
CA SER B 214 9.28 30.37 15.69
C SER B 214 10.14 31.10 16.71
N CYS B 215 10.68 30.31 17.62
CA CYS B 215 11.58 30.73 18.70
C CYS B 215 11.42 32.14 19.26
#